data_6I52
#
_entry.id   6I52
#
_cell.length_a   1
_cell.length_b   1
_cell.length_c   1
_cell.angle_alpha   90
_cell.angle_beta   90
_cell.angle_gamma   90
#
_symmetry.space_group_name_H-M   'P 1'
#
loop_
_entity.id
_entity.type
_entity.pdbx_description
1 polymer 'Replication factor A protein 3'
2 polymer 'Replication factor A protein 2'
3 polymer 'Replication factor A protein 1'
4 polymer "DNA (5'-D(P*TP*TP*TP*TP*TP*TP*TP*TP*TP*TP*TP*TP*TP*TP*TP*TP*TP*TP*TP*T)-3')"
#
loop_
_entity_poly.entity_id
_entity_poly.type
_entity_poly.pdbx_seq_one_letter_code
_entity_poly.pdbx_strand_id
1 'polypeptide(L)'
;MASETPRVDPTEISNVNAPVFRIIAQIKSQPTESQLILQSPTISSKNGSEVEMITLNNIRVSMNKTFEIDSWYEFVCRNN
DDGELGFLILDAVLCKFKENEDLSLNGVVALQRLCKKYPEIY
;
A
2 'polypeptide(L)'
;TNTRVNTLTPVTIKQILESKQDIQDGPFVSHNQELHHVCFVGVVRNITDHTANIFLTIEDGTGQIEVRKWSEDAAQQFEI
GGYVKVFGALKEFGGKKNIQYAVIKPIDSFNEVLTHHLEVIKCHSIASGMMK
;
B
3 'polypeptide(L)'
;KFIAQRITIARAQAENLGRSEKGDFFSVKAAISFLKVDNFAYPACSNENCNKKVLEQPDGTWRCEKCDTNNARPNWRYIL
TISIIDETNQLWLTLFDDQAKQLLGVDANTLMSLKEEDPNEFTKITQSIQMNEYDFRIRAREDTYNDQSRIRYTVANLHS
LNYRAEADYLADELSKAL
;
C
4 'polydeoxyribonucleotide' (DT)(DT)(DT)(DT)(DT)(DT)(DT)(DT)(DT)(DT)(DT)(DT)(DT)(DT)(DT)(DT)(DT)(DT)(DT)(DT) D
#
# COMPACT_ATOMS: atom_id res chain seq x y z
N MET A 1 5.16 -6.81 -21.60
CA MET A 1 4.39 -5.85 -22.38
C MET A 1 2.93 -5.85 -21.96
N ALA A 2 2.04 -5.76 -22.95
CA ALA A 2 0.60 -5.75 -22.69
C ALA A 2 0.00 -7.14 -22.57
N SER A 3 0.79 -8.20 -22.81
CA SER A 3 0.30 -9.56 -22.69
C SER A 3 0.46 -10.06 -21.25
N GLU A 4 0.08 -11.31 -21.02
CA GLU A 4 0.20 -11.91 -19.70
C GLU A 4 1.64 -12.35 -19.45
N THR A 5 2.22 -11.89 -18.34
CA THR A 5 3.59 -12.22 -17.96
C THR A 5 3.59 -12.64 -16.49
N PRO A 6 3.13 -13.84 -16.20
CA PRO A 6 3.14 -14.31 -14.80
C PRO A 6 4.53 -14.72 -14.35
N ARG A 7 4.68 -14.78 -13.02
CA ARG A 7 5.93 -15.23 -12.42
C ARG A 7 5.88 -16.74 -12.26
N VAL A 8 6.81 -17.44 -12.90
CA VAL A 8 6.85 -18.89 -12.88
C VAL A 8 8.18 -19.35 -12.28
N ASP A 9 8.18 -20.58 -11.80
CA ASP A 9 9.38 -21.15 -11.22
C ASP A 9 10.39 -21.48 -12.32
N PRO A 10 11.69 -21.27 -12.08
CA PRO A 10 12.69 -21.60 -13.11
C PRO A 10 12.72 -23.08 -13.47
N THR A 11 12.13 -23.96 -12.66
CA THR A 11 12.07 -25.38 -12.95
C THR A 11 10.87 -25.77 -13.79
N GLU A 12 10.05 -24.80 -14.20
CA GLU A 12 8.88 -25.05 -15.03
C GLU A 12 9.18 -25.01 -16.52
N ILE A 13 10.47 -24.89 -16.90
CA ILE A 13 10.86 -24.86 -18.31
C ILE A 13 10.34 -26.07 -19.06
N SER A 14 10.19 -27.20 -18.37
CA SER A 14 9.64 -28.40 -19.01
C SER A 14 8.13 -28.32 -19.15
N ASN A 15 7.44 -27.63 -18.24
CA ASN A 15 5.99 -27.55 -18.31
C ASN A 15 5.53 -26.67 -19.46
N VAL A 16 6.05 -25.45 -19.54
CA VAL A 16 5.68 -24.49 -20.57
C VAL A 16 6.84 -24.34 -21.55
N ASN A 17 6.51 -24.20 -22.83
CA ASN A 17 7.49 -24.17 -23.90
C ASN A 17 7.64 -22.75 -24.43
N ALA A 18 8.80 -22.15 -24.16
CA ALA A 18 9.15 -20.83 -24.68
C ALA A 18 8.12 -19.74 -24.40
N PRO A 19 7.84 -19.46 -23.11
CA PRO A 19 6.97 -18.31 -22.80
C PRO A 19 7.78 -17.05 -22.54
N VAL A 20 7.10 -15.95 -22.23
CA VAL A 20 7.74 -14.71 -21.79
C VAL A 20 7.32 -14.48 -20.34
N PHE A 21 8.26 -14.61 -19.41
CA PHE A 21 7.93 -14.58 -17.99
C PHE A 21 8.99 -13.81 -17.22
N ARG A 22 8.66 -13.50 -15.97
CA ARG A 22 9.55 -12.80 -15.05
C ARG A 22 9.87 -13.71 -13.87
N ILE A 23 11.13 -13.64 -13.41
CA ILE A 23 11.61 -14.47 -12.32
C ILE A 23 12.25 -13.56 -11.26
N ILE A 24 11.96 -13.85 -10.00
CA ILE A 24 12.60 -13.18 -8.87
C ILE A 24 13.31 -14.25 -8.06
N ALA A 25 14.63 -14.20 -8.02
CA ALA A 25 15.44 -15.18 -7.31
C ALA A 25 16.77 -14.54 -6.96
N GLN A 26 17.70 -15.36 -6.44
CA GLN A 26 19.02 -14.88 -6.06
C GLN A 26 19.99 -15.01 -7.23
N ILE A 27 20.83 -14.00 -7.39
CA ILE A 27 21.80 -13.94 -8.48
C ILE A 27 23.19 -14.21 -7.91
N LYS A 28 23.91 -15.15 -8.52
CA LYS A 28 25.27 -15.49 -8.12
C LYS A 28 26.25 -15.14 -9.24
N SER A 29 27.49 -14.88 -8.86
CA SER A 29 28.53 -14.50 -9.80
C SER A 29 29.25 -15.74 -10.32
N GLN A 30 29.34 -15.85 -11.64
CA GLN A 30 30.05 -16.95 -12.28
C GLN A 30 31.51 -16.55 -12.50
N PRO A 31 32.36 -17.45 -13.00
CA PRO A 31 33.71 -17.02 -13.40
C PRO A 31 33.72 -16.09 -14.60
N THR A 32 32.69 -16.13 -15.44
CA THR A 32 32.59 -15.27 -16.61
C THR A 32 31.23 -14.61 -16.65
N GLU A 33 31.11 -13.59 -17.50
CA GLU A 33 29.86 -12.85 -17.64
C GLU A 33 28.88 -13.52 -18.60
N SER A 34 29.25 -14.64 -19.20
CA SER A 34 28.39 -15.34 -20.15
C SER A 34 27.51 -16.38 -19.48
N GLN A 35 27.58 -16.53 -18.16
CA GLN A 35 26.78 -17.49 -17.43
C GLN A 35 26.16 -16.82 -16.20
N LEU A 36 25.16 -17.49 -15.62
CA LEU A 36 24.46 -16.96 -14.46
C LEU A 36 23.98 -18.12 -13.61
N ILE A 37 24.00 -17.94 -12.30
CA ILE A 37 23.52 -18.94 -11.34
C ILE A 37 22.36 -18.32 -10.57
N LEU A 38 21.20 -18.97 -10.65
CA LEU A 38 19.99 -18.51 -9.96
C LEU A 38 19.73 -19.43 -8.77
N GLN A 39 19.87 -18.86 -7.57
CA GLN A 39 19.61 -19.58 -6.32
C GLN A 39 18.19 -19.27 -5.88
N SER A 40 17.34 -20.30 -5.86
CA SER A 40 15.93 -20.15 -5.50
C SER A 40 15.52 -21.30 -4.58
N PRO A 41 15.73 -21.16 -3.28
CA PRO A 41 15.25 -22.19 -2.34
C PRO A 41 13.73 -22.20 -2.23
N THR A 42 13.17 -23.16 -1.50
CA THR A 42 11.74 -23.24 -1.29
C THR A 42 11.45 -23.52 0.17
N ILE A 43 10.81 -22.56 0.86
CA ILE A 43 10.30 -22.68 2.23
C ILE A 43 11.30 -23.39 3.14
N SER A 44 10.81 -24.37 3.90
CA SER A 44 11.64 -25.09 4.86
C SER A 44 12.69 -25.94 4.14
N SER A 45 13.73 -26.31 4.90
CA SER A 45 14.82 -27.11 4.35
C SER A 45 14.48 -28.60 4.39
N LYS A 46 14.30 -29.15 5.59
CA LYS A 46 14.11 -30.58 5.77
C LYS A 46 12.70 -31.07 5.49
N ASN A 47 11.79 -30.17 5.11
CA ASN A 47 10.42 -30.55 4.80
C ASN A 47 10.31 -31.44 3.57
N GLY A 48 11.41 -31.65 2.84
CA GLY A 48 11.40 -32.41 1.60
C GLY A 48 11.63 -31.57 0.36
N SER A 49 11.61 -30.25 0.47
CA SER A 49 11.91 -29.35 -0.62
C SER A 49 13.22 -28.62 -0.32
N GLU A 50 14.15 -28.67 -1.26
CA GLU A 50 15.49 -28.10 -1.07
C GLU A 50 15.70 -26.92 -2.01
N VAL A 51 16.91 -26.37 -1.96
CA VAL A 51 17.25 -25.21 -2.78
C VAL A 51 17.26 -25.60 -4.25
N GLU A 52 16.55 -24.82 -5.07
CA GLU A 52 16.47 -25.05 -6.50
C GLU A 52 17.29 -23.97 -7.21
N MET A 53 18.42 -24.38 -7.78
CA MET A 53 19.33 -23.48 -8.48
C MET A 53 19.35 -23.83 -9.96
N ILE A 54 19.20 -22.82 -10.81
CA ILE A 54 19.16 -23.00 -12.26
C ILE A 54 20.26 -22.15 -12.87
N THR A 55 21.07 -22.76 -13.73
CA THR A 55 22.17 -22.08 -14.40
C THR A 55 21.74 -21.70 -15.81
N LEU A 56 22.03 -20.46 -16.21
CA LEU A 56 21.68 -19.94 -17.51
C LEU A 56 22.94 -19.45 -18.22
N ASN A 57 22.83 -19.29 -19.54
CA ASN A 57 23.94 -18.83 -20.37
C ASN A 57 23.62 -17.43 -20.86
N ASN A 58 24.39 -16.43 -20.38
CA ASN A 58 24.13 -15.05 -20.74
C ASN A 58 24.68 -14.69 -22.12
N ILE A 59 25.77 -15.34 -22.53
CA ILE A 59 26.47 -15.05 -23.79
C ILE A 59 26.79 -13.56 -23.84
N ARG A 60 26.61 -12.95 -25.02
CA ARG A 60 26.86 -11.53 -25.21
C ARG A 60 25.60 -10.68 -25.14
N VAL A 61 24.43 -11.30 -24.95
CA VAL A 61 23.17 -10.57 -24.93
C VAL A 61 23.02 -9.86 -23.60
N SER A 62 22.54 -8.62 -23.66
CA SER A 62 22.25 -7.80 -22.47
C SER A 62 23.51 -7.61 -21.62
N MET A 63 24.44 -6.83 -22.18
CA MET A 63 25.68 -6.56 -21.46
C MET A 63 25.46 -5.55 -20.34
N ASN A 64 24.64 -4.54 -20.58
CA ASN A 64 24.34 -3.53 -19.56
C ASN A 64 23.37 -4.02 -18.50
N LYS A 65 22.80 -5.21 -18.66
CA LYS A 65 21.84 -5.77 -17.72
C LYS A 65 22.51 -6.60 -16.63
N THR A 66 23.85 -6.61 -16.58
CA THR A 66 24.57 -7.39 -15.57
C THR A 66 24.07 -7.05 -14.17
N PHE A 67 23.90 -8.08 -13.35
CA PHE A 67 23.28 -7.94 -12.05
C PHE A 67 24.32 -7.68 -10.96
N GLU A 68 23.96 -6.83 -10.00
CA GLU A 68 24.84 -6.53 -8.89
C GLU A 68 24.75 -7.63 -7.83
N ILE A 69 25.87 -7.85 -7.13
CA ILE A 69 25.92 -8.88 -6.11
C ILE A 69 24.99 -8.53 -4.96
N ASP A 70 24.25 -9.54 -4.47
CA ASP A 70 23.35 -9.42 -3.33
C ASP A 70 22.13 -8.57 -3.63
N SER A 71 22.14 -7.85 -4.75
CA SER A 71 20.99 -7.08 -5.19
C SER A 71 19.93 -8.01 -5.77
N TRP A 72 18.71 -7.50 -5.85
CA TRP A 72 17.60 -8.24 -6.43
C TRP A 72 17.22 -7.62 -7.77
N TYR A 73 16.68 -8.44 -8.65
CA TYR A 73 16.28 -7.97 -9.97
C TYR A 73 15.06 -8.74 -10.44
N GLU A 74 14.14 -8.04 -11.11
CA GLU A 74 13.02 -8.65 -11.78
C GLU A 74 13.45 -9.08 -13.17
N PHE A 75 13.38 -10.38 -13.44
CA PHE A 75 13.92 -10.96 -14.66
C PHE A 75 12.80 -11.07 -15.70
N VAL A 76 12.90 -10.27 -16.76
CA VAL A 76 12.02 -10.37 -17.91
C VAL A 76 12.77 -11.16 -18.97
N CYS A 77 12.30 -12.36 -19.26
CA CYS A 77 13.04 -13.26 -20.14
C CYS A 77 12.08 -14.14 -20.92
N ARG A 78 12.62 -14.73 -21.99
CA ARG A 78 11.90 -15.66 -22.86
C ARG A 78 12.71 -16.94 -22.96
N ASN A 79 12.03 -18.09 -22.79
CA ASN A 79 12.71 -19.37 -22.84
C ASN A 79 13.04 -19.75 -24.28
N ASN A 80 14.17 -20.42 -24.46
CA ASN A 80 14.61 -20.89 -25.76
C ASN A 80 14.07 -22.30 -26.01
N ASP A 81 13.47 -22.49 -27.18
CA ASP A 81 12.81 -23.75 -27.52
C ASP A 81 13.70 -24.70 -28.30
N ASP A 82 14.96 -24.34 -28.56
CA ASP A 82 15.82 -25.21 -29.37
C ASP A 82 16.44 -26.32 -28.51
N GLY A 83 17.42 -25.97 -27.70
CA GLY A 83 18.02 -26.94 -26.79
C GLY A 83 19.36 -26.47 -26.29
N GLU A 84 19.82 -27.15 -25.24
CA GLU A 84 21.14 -26.89 -24.65
C GLU A 84 21.34 -25.41 -24.32
N LEU A 85 20.26 -24.73 -23.95
CA LEU A 85 20.34 -23.31 -23.64
C LEU A 85 19.26 -22.98 -22.61
N GLY A 86 19.59 -22.05 -21.71
CA GLY A 86 18.66 -21.60 -20.70
C GLY A 86 17.74 -20.52 -21.19
N PHE A 87 17.24 -19.71 -20.26
CA PHE A 87 16.34 -18.62 -20.61
C PHE A 87 17.14 -17.44 -21.14
N LEU A 88 16.74 -16.92 -22.29
CA LEU A 88 17.43 -15.80 -22.90
C LEU A 88 17.20 -14.53 -22.09
N ILE A 89 18.29 -13.88 -21.70
CA ILE A 89 18.21 -12.68 -20.88
C ILE A 89 17.78 -11.52 -21.77
N LEU A 90 16.69 -10.85 -21.39
CA LEU A 90 16.15 -9.73 -22.17
C LEU A 90 16.15 -8.45 -21.36
N ASP A 91 15.35 -8.36 -20.30
CA ASP A 91 15.26 -7.16 -19.49
C ASP A 91 15.42 -7.50 -18.02
N ALA A 92 15.88 -6.53 -17.23
CA ALA A 92 16.05 -6.69 -15.81
C ALA A 92 15.67 -5.40 -15.10
N VAL A 93 14.94 -5.52 -13.99
CA VAL A 93 14.46 -4.38 -13.22
C VAL A 93 15.19 -4.37 -11.89
N LEU A 94 15.62 -3.18 -11.46
CA LEU A 94 16.29 -3.04 -10.17
C LEU A 94 15.30 -3.31 -9.04
N CYS A 95 15.67 -4.23 -8.15
CA CYS A 95 14.80 -4.67 -7.06
C CYS A 95 15.60 -4.70 -5.76
N LYS A 96 15.18 -3.87 -4.80
CA LYS A 96 15.72 -3.87 -3.46
C LYS A 96 14.61 -3.44 -2.51
N PHE A 97 14.77 -3.77 -1.23
CA PHE A 97 13.71 -3.51 -0.26
C PHE A 97 14.01 -2.28 0.59
N LYS A 98 14.89 -2.43 1.58
CA LYS A 98 15.17 -1.36 2.52
C LYS A 98 16.62 -1.48 2.98
N GLU A 99 16.99 -0.68 3.97
CA GLU A 99 18.31 -0.71 4.57
C GLU A 99 18.23 -1.38 5.94
N ASN A 100 19.25 -2.19 6.26
CA ASN A 100 19.30 -2.93 7.52
C ASN A 100 18.07 -3.82 7.68
N GLU A 101 17.83 -4.65 6.66
CA GLU A 101 16.66 -5.51 6.59
C GLU A 101 16.80 -6.35 5.32
N ASP A 102 16.05 -7.46 5.27
CA ASP A 102 16.11 -8.39 4.16
C ASP A 102 14.71 -8.88 3.85
N LEU A 103 14.61 -9.85 2.94
CA LEU A 103 13.33 -10.41 2.53
C LEU A 103 13.48 -11.91 2.35
N SER A 104 12.52 -12.67 2.89
CA SER A 104 12.51 -14.11 2.73
C SER A 104 11.85 -14.49 1.40
N LEU A 105 12.49 -15.42 0.69
CA LEU A 105 11.98 -15.84 -0.62
C LEU A 105 10.72 -16.69 -0.51
N ASN A 106 10.40 -17.18 0.68
CA ASN A 106 9.20 -18.02 0.87
C ASN A 106 7.95 -17.29 0.37
N GLY A 107 7.75 -16.05 0.83
CA GLY A 107 6.61 -15.29 0.38
C GLY A 107 6.54 -15.11 -1.13
N VAL A 108 7.70 -15.16 -1.79
CA VAL A 108 7.72 -15.12 -3.24
C VAL A 108 7.30 -16.47 -3.82
N VAL A 109 7.82 -17.56 -3.25
CA VAL A 109 7.53 -18.89 -3.78
C VAL A 109 6.03 -19.16 -3.73
N ALA A 110 5.42 -18.96 -2.55
CA ALA A 110 3.97 -19.11 -2.42
C ALA A 110 3.25 -18.24 -3.44
N LEU A 111 3.82 -17.08 -3.78
CA LEU A 111 3.30 -16.30 -4.90
C LEU A 111 3.29 -17.12 -6.18
N GLN A 112 4.49 -17.53 -6.63
CA GLN A 112 4.61 -18.21 -7.92
C GLN A 112 3.77 -19.47 -7.98
N ARG A 113 3.46 -20.07 -6.83
CA ARG A 113 2.59 -21.24 -6.82
C ARG A 113 1.14 -20.86 -7.07
N LEU A 114 0.66 -19.83 -6.37
CA LEU A 114 -0.76 -19.46 -6.46
C LEU A 114 -1.16 -19.09 -7.88
N CYS A 115 -0.37 -18.22 -8.52
CA CYS A 115 -0.66 -17.83 -9.89
C CYS A 115 -0.63 -19.01 -10.85
N LYS A 116 0.00 -20.13 -10.46
CA LYS A 116 -0.07 -21.33 -11.27
C LYS A 116 -1.40 -22.05 -11.10
N LYS A 117 -1.92 -22.11 -9.87
CA LYS A 117 -3.19 -22.78 -9.62
C LYS A 117 -4.39 -21.90 -9.93
N TYR A 118 -4.21 -20.58 -9.98
CA TYR A 118 -5.30 -19.63 -10.22
C TYR A 118 -4.89 -18.69 -11.34
N PRO A 119 -5.17 -19.05 -12.60
CA PRO A 119 -4.81 -18.17 -13.71
C PRO A 119 -5.67 -16.91 -13.80
N GLU A 120 -6.83 -16.89 -13.14
CA GLU A 120 -7.72 -15.72 -13.24
C GLU A 120 -7.06 -14.48 -12.65
N ILE A 121 -6.45 -14.61 -11.47
CA ILE A 121 -5.79 -13.50 -10.80
C ILE A 121 -4.27 -13.69 -10.93
N TYR A 122 -3.58 -12.56 -11.04
CA TYR A 122 -2.12 -12.58 -11.20
C TYR A 122 -1.41 -12.30 -9.88
N THR B 1 -20.03 10.19 -3.31
CA THR B 1 -19.27 8.98 -3.62
C THR B 1 -19.62 7.86 -2.64
N ASN B 2 -19.58 8.18 -1.35
CA ASN B 2 -19.90 7.18 -0.33
C ASN B 2 -21.39 6.87 -0.34
N THR B 3 -21.72 5.59 -0.44
CA THR B 3 -23.12 5.15 -0.48
C THR B 3 -23.39 4.12 0.61
N ARG B 4 -22.79 2.92 0.54
CA ARG B 4 -23.02 1.89 1.53
C ARG B 4 -21.73 1.48 2.22
N VAL B 5 -20.78 0.89 1.51
CA VAL B 5 -19.53 0.44 2.10
C VAL B 5 -18.34 1.06 1.39
N ASN B 6 -18.20 0.78 0.09
CA ASN B 6 -17.11 1.32 -0.73
C ASN B 6 -15.75 0.92 -0.17
N THR B 7 -15.45 -0.37 -0.34
CA THR B 7 -14.24 -0.96 0.23
C THR B 7 -13.01 -0.46 -0.51
N LEU B 8 -11.84 -0.95 -0.09
CA LEU B 8 -10.56 -0.59 -0.67
C LEU B 8 -9.76 -1.85 -0.92
N THR B 9 -9.37 -2.07 -2.18
CA THR B 9 -8.62 -3.26 -2.57
C THR B 9 -7.51 -2.86 -3.54
N PRO B 10 -6.32 -3.57 -3.49
CA PRO B 10 -5.25 -3.36 -4.48
C PRO B 10 -5.40 -4.26 -5.70
N VAL B 11 -6.29 -3.86 -6.61
CA VAL B 11 -6.66 -4.69 -7.75
C VAL B 11 -5.58 -4.64 -8.81
N THR B 12 -5.85 -5.21 -9.98
CA THR B 12 -4.91 -5.28 -11.09
C THR B 12 -5.50 -4.60 -12.31
N ILE B 13 -4.61 -4.24 -13.24
CA ILE B 13 -5.03 -3.53 -14.45
C ILE B 13 -5.93 -4.40 -15.31
N LYS B 14 -5.66 -5.70 -15.36
CA LYS B 14 -6.48 -6.60 -16.19
C LYS B 14 -7.91 -6.65 -15.70
N GLN B 15 -8.12 -6.67 -14.38
CA GLN B 15 -9.47 -6.70 -13.85
C GLN B 15 -10.20 -5.39 -14.09
N ILE B 16 -9.46 -4.29 -14.23
CA ILE B 16 -10.08 -3.01 -14.54
C ILE B 16 -10.45 -2.93 -16.01
N LEU B 17 -9.57 -3.41 -16.90
CA LEU B 17 -9.87 -3.41 -18.32
C LEU B 17 -10.99 -4.38 -18.67
N GLU B 18 -11.10 -5.50 -17.92
CA GLU B 18 -12.19 -6.43 -18.16
C GLU B 18 -13.53 -5.84 -17.74
N SER B 19 -13.53 -4.96 -16.74
CA SER B 19 -14.75 -4.32 -16.27
C SER B 19 -15.08 -3.13 -17.18
N LYS B 20 -16.01 -2.30 -16.74
CA LYS B 20 -16.49 -1.15 -17.51
C LYS B 20 -17.45 -0.37 -16.63
N GLN B 21 -17.69 0.90 -17.02
CA GLN B 21 -18.45 1.80 -16.17
C GLN B 21 -19.93 1.44 -16.15
N ASP B 22 -20.54 1.30 -17.33
CA ASP B 22 -21.98 1.07 -17.44
C ASP B 22 -22.24 -0.42 -17.60
N ILE B 23 -22.81 -1.03 -16.57
CA ILE B 23 -23.30 -2.40 -16.64
C ILE B 23 -24.70 -2.42 -16.03
N GLN B 24 -24.78 -2.17 -14.72
CA GLN B 24 -26.02 -2.06 -13.99
C GLN B 24 -26.52 -0.62 -13.87
N ASP B 25 -25.86 0.32 -14.57
CA ASP B 25 -26.07 1.76 -14.38
C ASP B 25 -25.70 2.16 -12.95
N GLY B 26 -24.40 2.07 -12.69
CA GLY B 26 -23.85 2.32 -11.38
C GLY B 26 -22.34 2.19 -11.42
N PRO B 27 -21.72 1.94 -10.25
CA PRO B 27 -20.26 1.78 -10.21
C PRO B 27 -19.77 0.57 -11.00
N PHE B 28 -18.47 0.37 -11.03
CA PHE B 28 -17.88 -0.72 -11.80
C PHE B 28 -18.19 -2.06 -11.13
N VAL B 29 -18.36 -3.09 -11.96
CA VAL B 29 -18.64 -4.45 -11.49
C VAL B 29 -17.77 -5.41 -12.30
N SER B 30 -16.97 -6.20 -11.61
CA SER B 30 -16.12 -7.20 -12.26
C SER B 30 -16.14 -8.48 -11.43
N HIS B 31 -16.42 -9.59 -12.10
CA HIS B 31 -16.51 -10.93 -11.48
C HIS B 31 -17.52 -10.85 -10.33
N ASN B 32 -17.24 -11.47 -9.19
CA ASN B 32 -18.13 -11.44 -8.04
C ASN B 32 -17.77 -10.37 -7.03
N GLN B 33 -16.69 -9.62 -7.26
CA GLN B 33 -16.24 -8.59 -6.33
C GLN B 33 -16.75 -7.23 -6.78
N GLU B 34 -17.12 -6.41 -5.80
CA GLU B 34 -17.61 -5.06 -6.08
C GLU B 34 -16.43 -4.14 -6.38
N LEU B 35 -16.47 -3.47 -7.52
CA LEU B 35 -15.41 -2.58 -7.96
C LEU B 35 -15.77 -1.14 -7.68
N HIS B 36 -14.80 -0.39 -7.17
CA HIS B 36 -14.99 0.98 -6.71
C HIS B 36 -13.63 1.68 -6.75
N HIS B 37 -13.55 2.85 -6.11
CA HIS B 37 -12.27 3.50 -5.91
C HIS B 37 -11.32 2.55 -5.19
N VAL B 38 -10.16 2.30 -5.79
CA VAL B 38 -9.26 1.26 -5.32
C VAL B 38 -7.81 1.70 -5.41
N CYS B 39 -6.89 0.77 -5.13
CA CYS B 39 -5.47 1.05 -5.14
C CYS B 39 -4.73 -0.09 -5.83
N PHE B 40 -3.48 0.19 -6.22
CA PHE B 40 -2.61 -0.79 -6.85
C PHE B 40 -1.24 -0.14 -7.05
N VAL B 41 -0.27 -0.97 -7.44
CA VAL B 41 1.09 -0.54 -7.70
C VAL B 41 1.50 -1.04 -9.08
N GLY B 42 2.23 -0.21 -9.82
CA GLY B 42 2.66 -0.57 -11.15
C GLY B 42 4.00 0.05 -11.48
N VAL B 43 4.62 -0.48 -12.53
CA VAL B 43 5.93 -0.01 -12.99
C VAL B 43 5.72 1.05 -14.06
N VAL B 44 6.39 2.19 -13.89
CA VAL B 44 6.27 3.29 -14.85
C VAL B 44 6.97 2.91 -16.13
N ARG B 45 6.25 2.99 -17.25
CA ARG B 45 6.77 2.67 -18.56
C ARG B 45 7.10 3.94 -19.34
N ASN B 46 6.09 4.74 -19.69
CA ASN B 46 6.30 5.98 -20.43
C ASN B 46 5.81 7.17 -19.60
N ILE B 47 6.45 8.32 -19.80
CA ILE B 47 6.11 9.53 -19.07
C ILE B 47 5.28 10.41 -19.99
N THR B 48 3.98 10.49 -19.69
CA THR B 48 3.02 11.29 -20.43
C THR B 48 2.74 12.64 -19.73
N ASP B 49 3.59 13.02 -18.78
CA ASP B 49 3.61 14.41 -18.32
C ASP B 49 4.40 15.25 -19.32
N HIS B 50 3.75 16.22 -19.94
CA HIS B 50 4.51 17.08 -20.84
C HIS B 50 4.38 18.58 -20.55
N THR B 51 3.34 19.23 -21.07
CA THR B 51 3.25 20.69 -21.02
C THR B 51 2.28 21.24 -19.97
N ALA B 52 1.45 20.40 -19.34
CA ALA B 52 0.46 20.96 -18.42
C ALA B 52 0.39 20.18 -17.11
N ASN B 53 -0.14 18.97 -17.19
CA ASN B 53 -0.31 18.07 -16.05
C ASN B 53 0.48 16.80 -16.30
N ILE B 54 0.38 15.85 -15.38
CA ILE B 54 1.16 14.63 -15.44
C ILE B 54 0.26 13.52 -15.96
N PHE B 55 0.50 13.06 -17.18
CA PHE B 55 -0.07 11.79 -17.56
C PHE B 55 1.03 10.73 -17.54
N LEU B 56 0.64 9.47 -17.71
CA LEU B 56 1.63 8.41 -17.61
C LEU B 56 1.12 7.16 -18.31
N THR B 57 2.06 6.31 -18.70
CA THR B 57 1.77 4.98 -19.24
C THR B 57 2.45 3.97 -18.33
N ILE B 58 1.64 3.19 -17.60
CA ILE B 58 2.12 2.24 -16.61
C ILE B 58 1.83 0.83 -17.11
N GLU B 59 2.85 -0.03 -17.08
CA GLU B 59 2.72 -1.43 -17.42
C GLU B 59 3.33 -2.25 -16.29
N ASP B 60 2.49 -3.02 -15.60
CA ASP B 60 2.93 -3.86 -14.50
C ASP B 60 3.33 -5.27 -14.95
N GLY B 61 3.33 -5.53 -16.26
CA GLY B 61 3.60 -6.83 -16.81
C GLY B 61 2.37 -7.54 -17.36
N THR B 62 1.18 -7.10 -16.96
CA THR B 62 -0.07 -7.62 -17.51
C THR B 62 -0.91 -6.43 -17.96
N GLY B 63 -1.12 -6.32 -19.25
CA GLY B 63 -1.85 -5.19 -19.81
C GLY B 63 -1.08 -3.89 -19.67
N GLN B 64 -1.80 -2.80 -19.91
CA GLN B 64 -1.24 -1.46 -19.81
C GLN B 64 -2.34 -0.48 -19.41
N ILE B 65 -1.94 0.62 -18.76
CA ILE B 65 -2.89 1.62 -18.30
C ILE B 65 -2.29 3.00 -18.53
N GLU B 66 -3.16 4.00 -18.65
CA GLU B 66 -2.77 5.39 -18.78
C GLU B 66 -3.38 6.18 -17.64
N VAL B 67 -2.55 6.93 -16.93
CA VAL B 67 -2.99 7.66 -15.74
C VAL B 67 -2.92 9.16 -16.02
N ARG B 68 -3.80 9.90 -15.35
CA ARG B 68 -3.89 11.36 -15.53
C ARG B 68 -4.08 12.01 -14.18
N LYS B 69 -3.17 12.92 -13.82
CA LYS B 69 -3.21 13.62 -12.53
C LYS B 69 -2.10 14.65 -12.43
N TRP B 70 -2.23 15.56 -11.46
CA TRP B 70 -1.21 16.57 -11.15
C TRP B 70 -1.67 17.42 -9.97
N SER B 71 -0.76 18.16 -9.35
CA SER B 71 -1.11 19.00 -8.22
C SER B 71 -1.94 20.19 -8.68
N GLU B 72 -2.86 20.64 -7.83
CA GLU B 72 -3.78 21.72 -8.19
C GLU B 72 -3.04 23.02 -8.42
N ASP B 73 -1.80 23.12 -7.96
CA ASP B 73 -0.95 24.27 -8.20
C ASP B 73 0.30 23.83 -8.96
N ALA B 74 1.17 24.78 -9.31
CA ALA B 74 2.36 24.48 -10.07
C ALA B 74 3.55 25.33 -9.61
N ALA B 75 13.34 18.80 -11.61
CA ALA B 75 13.07 17.36 -11.64
C ALA B 75 12.03 16.98 -10.60
N GLN B 76 11.38 15.84 -10.81
CA GLN B 76 10.36 15.33 -9.92
C GLN B 76 10.93 14.22 -9.04
N GLN B 77 10.09 13.68 -8.17
CA GLN B 77 10.48 12.60 -7.27
C GLN B 77 10.21 11.21 -7.85
N PHE B 78 9.65 11.13 -9.06
CA PHE B 78 9.35 9.85 -9.67
C PHE B 78 10.62 9.22 -10.24
N GLU B 79 10.63 7.89 -10.27
CA GLU B 79 11.74 7.12 -10.80
C GLU B 79 11.30 6.34 -12.02
N ILE B 80 12.21 6.22 -12.99
CA ILE B 80 11.92 5.49 -14.23
C ILE B 80 11.99 3.99 -13.94
N GLY B 81 10.89 3.29 -14.21
CA GLY B 81 10.85 1.86 -13.95
C GLY B 81 10.84 1.48 -12.49
N GLY B 82 10.47 2.40 -11.61
CA GLY B 82 10.45 2.14 -10.18
C GLY B 82 9.11 1.62 -9.70
N TYR B 83 8.80 1.89 -8.44
CA TYR B 83 7.56 1.46 -7.82
C TYR B 83 6.91 2.64 -7.12
N VAL B 84 5.60 2.78 -7.31
CA VAL B 84 4.83 3.88 -6.74
C VAL B 84 3.53 3.35 -6.18
N LYS B 85 3.24 3.68 -4.93
CA LYS B 85 1.93 3.40 -4.36
C LYS B 85 0.88 4.21 -5.09
N VAL B 86 -0.16 3.52 -5.58
CA VAL B 86 -1.13 4.11 -6.48
C VAL B 86 -2.52 4.08 -5.85
N PHE B 87 -3.08 5.26 -5.65
CA PHE B 87 -4.48 5.44 -5.29
C PHE B 87 -5.24 5.87 -6.54
N GLY B 88 -6.48 5.41 -6.69
CA GLY B 88 -7.25 5.74 -7.86
C GLY B 88 -8.74 5.61 -7.65
N ALA B 89 -9.48 6.34 -8.47
CA ALA B 89 -10.93 6.31 -8.48
C ALA B 89 -11.40 5.97 -9.89
N LEU B 90 -12.35 5.03 -9.99
CA LEU B 90 -12.78 4.49 -11.27
C LEU B 90 -13.85 5.38 -11.88
N LYS B 91 -13.55 5.92 -13.06
CA LYS B 91 -14.51 6.73 -13.82
C LYS B 91 -14.18 6.60 -15.30
N GLU B 92 -15.20 6.76 -16.14
CA GLU B 92 -15.05 6.59 -17.57
C GLU B 92 -15.92 7.59 -18.32
N PHE B 93 -15.34 8.20 -19.35
CA PHE B 93 -16.06 9.11 -20.23
C PHE B 93 -15.55 8.94 -21.65
N GLY B 94 -16.47 8.90 -22.61
CA GLY B 94 -16.12 8.79 -24.00
C GLY B 94 -15.42 7.48 -24.34
N GLY B 95 -14.80 7.49 -25.53
CA GLY B 95 -14.10 6.29 -25.99
C GLY B 95 -12.83 6.03 -25.21
N LYS B 96 -11.98 7.04 -25.08
CA LYS B 96 -10.73 6.88 -24.35
C LYS B 96 -11.00 6.87 -22.85
N LYS B 97 -10.22 6.04 -22.14
CA LYS B 97 -10.38 5.90 -20.70
C LYS B 97 -9.69 7.06 -19.99
N ASN B 98 -10.45 7.83 -19.22
CA ASN B 98 -9.93 8.93 -18.43
C ASN B 98 -10.19 8.65 -16.96
N ILE B 99 -9.12 8.50 -16.18
CA ILE B 99 -9.20 8.19 -14.76
C ILE B 99 -8.76 9.43 -13.98
N GLN B 100 -9.60 9.84 -13.02
CA GLN B 100 -9.23 10.97 -12.16
C GLN B 100 -8.00 10.64 -11.33
N TYR B 101 -7.78 9.37 -11.03
CA TYR B 101 -6.54 8.83 -10.45
C TYR B 101 -6.27 9.54 -9.12
N ALA B 102 -5.01 9.83 -8.81
CA ALA B 102 -4.60 10.45 -7.56
C ALA B 102 -3.08 10.60 -7.53
N VAL B 103 -2.55 11.22 -6.48
CA VAL B 103 -1.10 11.35 -6.33
C VAL B 103 -0.50 10.00 -5.96
N ILE B 104 0.62 9.66 -6.58
CA ILE B 104 1.29 8.38 -6.35
C ILE B 104 2.54 8.62 -5.51
N LYS B 105 2.88 7.62 -4.69
CA LYS B 105 4.03 7.78 -3.81
C LYS B 105 5.23 7.04 -4.38
N PRO B 106 6.38 7.70 -4.56
CA PRO B 106 7.55 7.01 -5.09
C PRO B 106 8.17 6.05 -4.07
N ILE B 107 7.57 4.87 -3.90
CA ILE B 107 8.02 3.93 -2.90
C ILE B 107 9.29 3.23 -3.38
N ASP B 108 9.83 2.35 -2.54
CA ASP B 108 11.09 1.67 -2.84
C ASP B 108 10.95 0.16 -2.70
N SER B 109 10.67 -0.30 -1.48
CA SER B 109 10.59 -1.72 -1.21
C SER B 109 9.53 -2.39 -2.09
N PHE B 110 9.94 -3.44 -2.80
CA PHE B 110 9.06 -4.11 -3.76
C PHE B 110 8.31 -5.30 -3.17
N ASN B 111 8.60 -5.68 -1.93
CA ASN B 111 7.89 -6.79 -1.31
C ASN B 111 6.48 -6.42 -0.88
N GLU B 112 6.17 -5.13 -0.79
CA GLU B 112 4.80 -4.71 -0.52
C GLU B 112 3.88 -5.02 -1.69
N VAL B 113 4.42 -4.96 -2.92
CA VAL B 113 3.63 -5.31 -4.10
C VAL B 113 3.24 -6.79 -4.04
N LEU B 114 4.23 -7.67 -3.85
CA LEU B 114 3.92 -9.09 -3.71
C LEU B 114 3.07 -9.36 -2.49
N THR B 115 3.17 -8.51 -1.46
CA THR B 115 2.30 -8.65 -0.31
C THR B 115 0.85 -8.36 -0.67
N HIS B 116 0.62 -7.34 -1.51
CA HIS B 116 -0.74 -7.07 -1.96
C HIS B 116 -1.24 -8.14 -2.91
N HIS B 117 -0.34 -8.74 -3.70
CA HIS B 117 -0.72 -9.87 -4.54
C HIS B 117 -1.18 -11.05 -3.69
N LEU B 118 -0.39 -11.41 -2.68
CA LEU B 118 -0.79 -12.46 -1.76
C LEU B 118 -2.04 -12.10 -0.96
N GLU B 119 -2.30 -10.80 -0.78
CA GLU B 119 -3.51 -10.39 -0.08
C GLU B 119 -4.75 -10.55 -0.94
N VAL B 120 -4.66 -10.16 -2.22
CA VAL B 120 -5.80 -10.30 -3.12
C VAL B 120 -6.06 -11.77 -3.44
N ILE B 121 -5.02 -12.50 -3.84
CA ILE B 121 -5.18 -13.91 -4.14
C ILE B 121 -5.55 -14.70 -2.88
N LYS B 122 -5.04 -14.28 -1.72
CA LYS B 122 -5.36 -14.98 -0.49
C LYS B 122 -6.81 -14.76 -0.08
N CYS B 123 -7.27 -13.50 -0.08
CA CYS B 123 -8.64 -13.22 0.31
C CYS B 123 -9.63 -13.79 -0.70
N HIS B 124 -9.27 -13.80 -1.99
CA HIS B 124 -10.14 -14.43 -2.99
C HIS B 124 -10.12 -15.95 -2.87
N SER B 125 -9.03 -16.51 -2.34
CA SER B 125 -8.95 -17.97 -2.20
C SER B 125 -9.71 -18.45 -0.98
N ILE B 126 -9.61 -17.74 0.15
CA ILE B 126 -10.28 -18.16 1.37
C ILE B 126 -11.66 -17.52 1.52
N ALA B 127 -12.05 -16.64 0.61
CA ALA B 127 -13.35 -15.99 0.70
C ALA B 127 -14.40 -16.76 -0.10
N SER B 128 -14.26 -16.76 -1.42
CA SER B 128 -15.21 -17.41 -2.31
C SER B 128 -14.82 -18.83 -2.68
N GLY B 129 -13.71 -19.34 -2.15
CA GLY B 129 -13.28 -20.68 -2.49
C GLY B 129 -14.20 -21.76 -2.00
N MET B 130 -14.45 -21.80 -0.69
CA MET B 130 -15.40 -22.75 -0.12
C MET B 130 -16.37 -22.04 0.82
N MET B 131 -15.88 -21.61 1.97
CA MET B 131 -16.68 -20.93 2.98
C MET B 131 -15.79 -20.02 3.80
N LYS B 132 -16.43 -19.08 4.50
CA LYS B 132 -15.78 -18.10 5.38
C LYS B 132 -14.47 -17.55 4.81
N LYS C 1 8.08 -13.15 17.04
CA LYS C 1 7.02 -12.89 18.01
C LYS C 1 6.52 -11.45 17.89
N PHE C 2 5.60 -11.22 16.96
CA PHE C 2 5.05 -9.90 16.72
C PHE C 2 3.56 -10.03 16.46
N ILE C 3 2.87 -8.89 16.52
CA ILE C 3 1.42 -8.86 16.27
C ILE C 3 1.19 -8.99 14.77
N ALA C 4 0.40 -10.00 14.39
CA ALA C 4 0.14 -10.27 12.98
C ALA C 4 -1.35 -10.36 12.71
N GLN C 5 -2.00 -11.39 13.28
CA GLN C 5 -3.41 -11.61 13.04
C GLN C 5 -4.24 -10.49 13.66
N ARG C 6 -5.30 -10.10 12.96
CA ARG C 6 -6.20 -9.04 13.41
C ARG C 6 -7.50 -9.16 12.62
N ILE C 7 -8.41 -8.22 12.88
CA ILE C 7 -9.70 -8.19 12.20
C ILE C 7 -9.84 -6.86 11.47
N THR C 8 -10.96 -6.68 10.76
CA THR C 8 -11.20 -5.47 10.00
C THR C 8 -12.23 -4.59 10.74
N ILE C 9 -12.54 -3.45 10.12
CA ILE C 9 -13.51 -2.54 10.72
C ILE C 9 -14.93 -3.03 10.49
N ALA C 10 -15.21 -3.65 9.35
CA ALA C 10 -16.53 -4.25 9.14
C ALA C 10 -16.79 -5.38 10.13
N ARG C 11 -15.76 -6.17 10.43
CA ARG C 11 -15.88 -7.22 11.43
C ARG C 11 -15.79 -6.68 12.85
N ALA C 12 -15.49 -5.39 13.01
CA ALA C 12 -15.35 -4.82 14.34
C ALA C 12 -16.71 -4.54 14.98
N GLN C 13 -17.66 -4.05 14.18
CA GLN C 13 -19.00 -3.80 14.71
C GLN C 13 -19.68 -5.06 15.20
N ALA C 14 -19.88 -6.06 14.34
CA ALA C 14 -20.41 -7.34 14.76
C ALA C 14 -19.61 -8.46 14.11
N GLU C 15 -18.89 -9.23 14.93
CA GLU C 15 -18.39 -10.53 14.50
C GLU C 15 -18.73 -11.57 15.56
N ASN C 16 -19.67 -12.47 15.24
CA ASN C 16 -20.09 -13.56 16.13
C ASN C 16 -20.31 -13.06 17.56
N LEU C 17 -20.88 -11.87 17.71
CA LEU C 17 -20.88 -11.16 18.99
C LEU C 17 -22.04 -11.62 19.90
N GLY C 18 -22.07 -11.15 21.15
CA GLY C 18 -20.96 -10.51 21.82
C GLY C 18 -20.13 -11.50 22.61
N ARG C 19 -19.10 -11.09 23.37
CA ARG C 19 -18.59 -9.72 23.57
C ARG C 19 -19.67 -8.69 23.93
N SER C 20 -20.35 -8.90 25.07
CA SER C 20 -21.42 -8.00 25.45
C SER C 20 -20.92 -6.57 25.65
N GLU C 21 -20.30 -6.30 26.80
CA GLU C 21 -19.74 -4.98 27.09
C GLU C 21 -18.21 -4.91 27.04
N LYS C 22 -17.53 -6.03 26.85
CA LYS C 22 -16.13 -6.06 27.25
C LYS C 22 -15.19 -6.11 26.05
N GLY C 23 -14.29 -5.12 25.99
CA GLY C 23 -13.15 -5.21 25.12
C GLY C 23 -12.24 -4.01 25.31
N ASP C 24 -10.96 -4.20 24.99
CA ASP C 24 -10.02 -3.09 24.99
C ASP C 24 -9.36 -2.93 23.63
N PHE C 25 -9.76 -1.88 22.90
CA PHE C 25 -9.30 -1.51 21.56
C PHE C 25 -9.18 -2.73 20.65
N PHE C 26 -8.21 -2.67 19.73
CA PHE C 26 -7.59 -3.79 19.02
C PHE C 26 -6.69 -3.24 17.91
N SER C 27 -5.94 -4.12 17.24
CA SER C 27 -5.01 -3.67 16.21
C SER C 27 -5.71 -3.57 14.86
N VAL C 28 -5.32 -2.55 14.08
CA VAL C 28 -5.90 -2.31 12.76
C VAL C 28 -4.77 -1.92 11.80
N LYS C 29 -4.79 -2.51 10.61
CA LYS C 29 -3.93 -2.10 9.51
C LYS C 29 -4.80 -1.45 8.43
N ALA C 30 -4.68 -0.14 8.28
CA ALA C 30 -5.58 0.59 7.40
C ALA C 30 -4.86 1.74 6.73
N ALA C 31 -5.24 2.01 5.48
CA ALA C 31 -4.69 3.15 4.75
C ALA C 31 -5.39 4.44 5.17
N ILE C 32 -4.67 5.54 5.00
CA ILE C 32 -5.20 6.87 5.31
C ILE C 32 -5.80 7.45 4.04
N SER C 33 -6.97 8.07 4.16
CA SER C 33 -7.64 8.62 2.98
C SER C 33 -7.48 10.14 2.92
N PHE C 34 -8.07 10.86 3.88
CA PHE C 34 -8.10 12.31 3.84
C PHE C 34 -7.83 12.88 5.23
N LEU C 35 -7.29 14.10 5.26
CA LEU C 35 -7.02 14.83 6.49
C LEU C 35 -7.93 16.04 6.54
N LYS C 36 -8.69 16.18 7.61
CA LYS C 36 -9.62 17.30 7.74
C LYS C 36 -8.88 18.61 7.91
N VAL C 37 -9.37 19.66 7.25
CA VAL C 37 -8.76 20.98 7.34
C VAL C 37 -9.28 21.78 8.53
N ASP C 38 -10.37 21.34 9.16
CA ASP C 38 -10.98 22.05 10.26
C ASP C 38 -10.77 21.30 11.57
N ASN C 39 -10.69 22.06 12.66
CA ASN C 39 -10.47 21.52 14.01
C ASN C 39 -9.16 20.72 14.06
N PHE C 40 -8.06 21.46 13.94
CA PHE C 40 -6.71 20.88 13.93
C PHE C 40 -6.09 20.88 15.32
N ALA C 41 -5.81 22.06 15.88
CA ALA C 41 -5.20 22.18 17.19
C ALA C 41 -5.88 23.28 17.97
N TYR C 42 -6.40 22.94 19.19
CA TYR C 42 -7.00 23.96 20.03
C TYR C 42 -5.94 24.57 20.96
N PRO C 43 -6.01 25.88 21.20
CA PRO C 43 -5.02 26.53 22.05
C PRO C 43 -5.29 26.29 23.54
N ALA C 44 -4.21 26.32 24.31
CA ALA C 44 -4.27 26.15 25.76
C ALA C 44 -3.02 26.76 26.37
N CYS C 45 -2.96 26.72 27.70
CA CYS C 45 -1.83 27.24 28.43
C CYS C 45 -0.64 26.28 28.34
N SER C 46 0.55 26.83 28.58
CA SER C 46 1.78 26.05 28.54
C SER C 46 2.10 25.57 29.96
N ASN C 47 2.00 24.26 30.17
CA ASN C 47 2.23 23.63 31.46
C ASN C 47 2.06 22.13 31.24
N GLU C 48 2.38 21.35 32.28
CA GLU C 48 2.28 19.90 32.22
C GLU C 48 0.88 19.46 32.63
N ASN C 49 0.27 18.60 31.82
CA ASN C 49 -1.05 18.03 32.07
C ASN C 49 -2.10 19.13 32.26
N CYS C 50 -2.39 19.80 31.15
CA CYS C 50 -3.38 20.88 31.12
C CYS C 50 -4.72 20.29 30.68
N ASN C 51 -5.68 20.23 31.60
CA ASN C 51 -7.01 19.73 31.31
C ASN C 51 -8.00 20.84 31.00
N LYS C 52 -7.58 22.10 31.06
CA LYS C 52 -8.46 23.25 30.89
C LYS C 52 -8.26 23.87 29.52
N LYS C 53 -9.34 24.35 28.93
CA LYS C 53 -9.30 25.07 27.65
C LYS C 53 -9.42 26.56 27.94
N VAL C 54 -8.37 27.31 27.60
CA VAL C 54 -8.35 28.74 27.87
C VAL C 54 -9.36 29.46 26.97
N LEU C 55 -9.91 30.55 27.49
CA LEU C 55 -10.87 31.38 26.78
C LEU C 55 -10.32 32.80 26.67
N GLU C 56 -11.07 33.67 26.01
CA GLU C 56 -10.69 35.06 25.80
C GLU C 56 -11.63 35.97 26.56
N GLN C 57 -11.13 36.58 27.63
CA GLN C 57 -11.82 37.65 28.33
C GLN C 57 -11.64 38.95 27.54
N PRO C 58 -12.39 40.00 27.89
CA PRO C 58 -12.13 41.31 27.25
C PRO C 58 -10.77 41.86 27.62
N ASP C 59 -9.72 41.15 27.21
CA ASP C 59 -8.33 41.50 27.51
C ASP C 59 -7.49 41.50 26.24
N GLY C 60 -7.45 40.36 25.56
CA GLY C 60 -6.52 40.12 24.46
C GLY C 60 -5.46 39.09 24.76
N THR C 61 -5.36 38.62 26.00
CA THR C 61 -4.49 37.51 26.36
C THR C 61 -5.32 36.32 26.80
N TRP C 62 -4.86 35.12 26.49
CA TRP C 62 -5.61 33.92 26.83
C TRP C 62 -5.67 33.75 28.35
N ARG C 63 -6.85 33.34 28.83
CA ARG C 63 -7.10 33.22 30.26
C ARG C 63 -7.60 31.83 30.57
N CYS C 64 -7.02 31.21 31.60
CA CYS C 64 -7.45 29.88 32.06
C CYS C 64 -8.35 30.03 33.28
N GLU C 65 -9.44 29.25 33.29
CA GLU C 65 -10.44 29.40 34.34
C GLU C 65 -9.93 28.87 35.68
N LYS C 66 -9.46 27.62 35.71
CA LYS C 66 -9.08 27.01 36.98
C LYS C 66 -7.79 27.62 37.52
N CYS C 67 -6.74 27.65 36.71
CA CYS C 67 -5.44 28.16 37.13
C CYS C 67 -5.25 29.55 36.54
N ASP C 68 -5.12 30.56 37.42
CA ASP C 68 -4.94 31.93 36.96
C ASP C 68 -3.48 32.14 36.59
N THR C 69 -3.23 32.47 35.32
CA THR C 69 -1.87 32.71 34.85
C THR C 69 -1.95 33.55 33.58
N ASN C 70 -0.82 34.18 33.24
CA ASN C 70 -0.67 34.92 32.01
C ASN C 70 0.05 34.04 31.00
N ASN C 71 -0.58 33.81 29.85
CA ASN C 71 -0.06 32.91 28.84
C ASN C 71 0.75 33.71 27.82
N ALA C 72 2.07 33.50 27.82
CA ALA C 72 2.91 34.13 26.82
C ALA C 72 2.88 33.35 25.51
N ARG C 73 2.93 32.02 25.58
CA ARG C 73 2.86 31.16 24.40
C ARG C 73 1.60 30.32 24.48
N PRO C 74 0.61 30.55 23.62
CA PRO C 74 -0.61 29.72 23.65
C PRO C 74 -0.35 28.32 23.11
N ASN C 75 0.20 27.45 23.94
CA ASN C 75 0.59 26.11 23.48
C ASN C 75 -0.62 25.36 22.95
N TRP C 76 -0.50 24.86 21.72
CA TRP C 76 -1.61 24.20 21.04
C TRP C 76 -1.55 22.69 21.25
N ARG C 77 -2.71 22.07 21.39
CA ARG C 77 -2.82 20.63 21.46
C ARG C 77 -3.66 20.13 20.29
N TYR C 78 -3.34 18.92 19.82
CA TYR C 78 -3.97 18.41 18.61
C TYR C 78 -5.36 17.89 18.92
N ILE C 79 -6.38 18.53 18.32
CA ILE C 79 -7.72 17.97 18.24
C ILE C 79 -8.01 17.31 16.90
N LEU C 80 -7.02 17.30 16.00
CA LEU C 80 -7.27 16.89 14.63
C LEU C 80 -7.54 15.39 14.53
N THR C 81 -8.51 15.04 13.70
CA THR C 81 -8.81 13.66 13.35
C THR C 81 -8.51 13.42 11.88
N ILE C 82 -8.68 12.18 11.44
CA ILE C 82 -8.40 11.80 10.06
C ILE C 82 -9.49 10.86 9.56
N SER C 83 -9.66 10.84 8.25
CA SER C 83 -10.58 9.92 7.58
C SER C 83 -9.75 8.82 6.94
N ILE C 84 -10.00 7.57 7.34
CA ILE C 84 -9.22 6.43 6.88
C ILE C 84 -10.13 5.46 6.14
N ILE C 85 -9.52 4.61 5.33
CA ILE C 85 -10.20 3.54 4.62
C ILE C 85 -9.42 2.25 4.83
N ASP C 86 -10.14 1.14 4.98
CA ASP C 86 -9.50 -0.16 5.16
C ASP C 86 -10.02 -1.14 4.12
N GLU C 87 -9.64 -2.42 4.25
CA GLU C 87 -10.06 -3.43 3.28
C GLU C 87 -11.57 -3.45 3.07
N THR C 88 -12.34 -3.05 4.08
CA THR C 88 -13.80 -3.03 3.97
C THR C 88 -14.37 -1.65 4.28
N ASN C 89 -14.42 -1.25 5.54
CA ASN C 89 -15.11 -0.03 5.94
C ASN C 89 -14.25 1.21 5.71
N GLN C 90 -14.92 2.35 5.59
CA GLN C 90 -14.28 3.66 5.60
C GLN C 90 -14.67 4.34 6.92
N LEU C 91 -13.68 4.56 7.78
CA LEU C 91 -13.92 5.01 9.16
C LEU C 91 -13.24 6.34 9.40
N TRP C 92 -13.42 6.86 10.61
CA TRP C 92 -12.82 8.11 11.06
C TRP C 92 -12.08 7.83 12.38
N LEU C 93 -10.85 8.33 12.49
CA LEU C 93 -10.02 8.10 13.65
C LEU C 93 -9.64 9.43 14.28
N THR C 94 -9.90 9.57 15.58
CA THR C 94 -9.53 10.77 16.32
C THR C 94 -8.14 10.61 16.92
N LEU C 95 -7.26 11.55 16.63
CA LEU C 95 -5.88 11.51 17.06
C LEU C 95 -5.64 12.56 18.14
N PHE C 96 -4.81 12.20 19.12
CA PHE C 96 -4.46 13.09 20.22
C PHE C 96 -3.20 13.87 19.86
N ASP C 97 -2.63 14.58 20.85
CA ASP C 97 -1.43 15.37 20.59
C ASP C 97 -0.26 14.49 20.18
N ASP C 98 -0.08 13.36 20.85
CA ASP C 98 1.02 12.46 20.51
C ASP C 98 0.75 11.70 19.21
N GLN C 99 -0.51 11.33 18.97
CA GLN C 99 -0.84 10.59 17.76
C GLN C 99 -0.73 11.48 16.52
N ALA C 100 -1.39 12.64 16.55
CA ALA C 100 -1.30 13.55 15.42
C ALA C 100 0.09 14.16 15.28
N LYS C 101 0.78 14.38 16.41
CA LYS C 101 2.15 14.87 16.34
C LYS C 101 3.08 13.83 15.73
N GLN C 102 2.82 12.55 15.99
CA GLN C 102 3.62 11.48 15.40
C GLN C 102 3.24 11.18 13.96
N LEU C 103 2.01 11.53 13.55
CA LEU C 103 1.55 11.21 12.21
C LEU C 103 2.36 11.95 11.15
N LEU C 104 2.37 13.28 11.22
CA LEU C 104 3.10 14.11 10.27
C LEU C 104 4.47 14.53 10.80
N GLY C 105 4.83 14.15 12.02
CA GLY C 105 6.11 14.53 12.57
C GLY C 105 6.27 16.00 12.91
N VAL C 106 5.17 16.76 12.89
CA VAL C 106 5.20 18.20 13.17
C VAL C 106 4.35 18.47 14.40
N ASP C 107 4.82 19.37 15.26
CA ASP C 107 4.11 19.69 16.48
C ASP C 107 2.86 20.53 16.16
N ALA C 108 2.10 20.85 17.20
CA ALA C 108 0.86 21.60 17.01
C ALA C 108 1.12 23.09 16.84
N ASN C 109 2.06 23.65 17.62
CA ASN C 109 2.37 25.07 17.50
C ASN C 109 3.02 25.38 16.15
N THR C 110 3.94 24.52 15.70
CA THR C 110 4.56 24.72 14.40
C THR C 110 3.58 24.50 13.26
N LEU C 111 2.56 23.65 13.46
CA LEU C 111 1.55 23.45 12.44
C LEU C 111 0.61 24.65 12.35
N MET C 112 0.18 25.18 13.50
CA MET C 112 -0.67 26.36 13.50
C MET C 112 0.07 27.56 12.94
N SER C 113 1.33 27.76 13.34
CA SER C 113 2.14 28.83 12.77
C SER C 113 2.47 28.56 11.31
N LEU C 114 2.40 27.30 10.86
CA LEU C 114 2.64 26.97 9.46
C LEU C 114 1.43 27.31 8.60
N LYS C 115 0.21 27.11 9.13
CA LYS C 115 -0.98 27.41 8.36
C LYS C 115 -1.14 28.93 8.17
N GLU C 116 -0.98 29.69 9.26
CA GLU C 116 -1.11 31.14 9.17
C GLU C 116 0.06 31.80 8.46
N GLU C 117 1.12 31.05 8.14
CA GLU C 117 2.27 31.61 7.46
C GLU C 117 1.91 31.94 6.00
N ASP C 118 2.69 32.86 5.42
CA ASP C 118 2.45 33.34 4.07
C ASP C 118 2.66 32.25 3.01
N PRO C 119 3.73 31.45 3.06
CA PRO C 119 3.89 30.39 2.07
C PRO C 119 2.77 29.36 2.13
N ASN C 120 2.62 28.63 1.03
CA ASN C 120 1.59 27.63 0.86
C ASN C 120 2.03 26.24 1.32
N GLU C 121 3.21 26.12 1.92
CA GLU C 121 3.75 24.81 2.29
C GLU C 121 2.86 24.06 3.27
N PHE C 122 1.90 24.74 3.91
CA PHE C 122 0.95 24.04 4.78
C PHE C 122 0.13 23.04 3.99
N THR C 123 -0.44 23.47 2.86
CA THR C 123 -1.19 22.55 2.01
C THR C 123 -0.27 21.52 1.36
N LYS C 124 1.02 21.85 1.19
CA LYS C 124 1.96 20.88 0.65
C LYS C 124 2.22 19.75 1.65
N ILE C 125 2.32 20.09 2.94
CA ILE C 125 2.49 19.06 3.96
C ILE C 125 1.20 18.27 4.14
N THR C 126 0.05 18.97 4.12
CA THR C 126 -1.23 18.28 4.28
C THR C 126 -1.47 17.30 3.14
N GLN C 127 -1.16 17.70 1.90
CA GLN C 127 -1.34 16.81 0.76
C GLN C 127 -0.25 15.77 0.64
N SER C 128 0.95 16.04 1.18
CA SER C 128 2.03 15.06 1.11
C SER C 128 1.86 13.96 2.15
N ILE C 129 1.34 14.29 3.33
CA ILE C 129 1.18 13.29 4.38
C ILE C 129 -0.03 12.40 4.11
N GLN C 130 -1.09 12.97 3.52
CA GLN C 130 -2.30 12.21 3.26
C GLN C 130 -2.06 11.13 2.22
N MET C 131 -2.98 10.16 2.18
CA MET C 131 -2.91 9.00 1.29
C MET C 131 -1.66 8.17 1.57
N ASN C 132 -1.69 7.54 2.75
CA ASN C 132 -0.63 6.63 3.19
C ASN C 132 -1.29 5.45 3.88
N GLU C 133 -0.46 4.50 4.31
CA GLU C 133 -0.93 3.32 5.04
C GLU C 133 -0.32 3.35 6.44
N TYR C 134 -1.12 2.96 7.43
CA TYR C 134 -0.68 3.04 8.82
C TYR C 134 -1.37 1.96 9.65
N ASP C 135 -0.80 1.71 10.83
CA ASP C 135 -1.32 0.73 11.78
C ASP C 135 -1.65 1.44 13.08
N PHE C 136 -2.83 1.15 13.62
CA PHE C 136 -3.30 1.81 14.84
C PHE C 136 -3.84 0.78 15.82
N ARG C 137 -4.03 1.23 17.06
CA ARG C 137 -4.79 0.50 18.07
C ARG C 137 -6.03 1.32 18.37
N ILE C 138 -7.19 0.83 17.96
CA ILE C 138 -8.41 1.64 18.00
C ILE C 138 -9.40 1.03 18.99
N ARG C 139 -10.06 1.92 19.75
CA ARG C 139 -11.08 1.54 20.70
C ARG C 139 -12.36 2.30 20.38
N ALA C 140 -13.49 1.73 20.79
CA ALA C 140 -14.80 2.28 20.50
C ALA C 140 -15.56 2.57 21.77
N ARG C 141 -16.12 3.77 21.85
CA ARG C 141 -16.97 4.18 22.97
C ARG C 141 -18.15 4.98 22.43
N GLU C 142 -19.25 4.97 23.19
CA GLU C 142 -20.48 5.66 22.81
C GLU C 142 -20.71 6.80 23.79
N ASP C 143 -20.59 8.03 23.31
CA ASP C 143 -20.84 9.23 24.10
C ASP C 143 -22.02 9.99 23.52
N THR C 144 -22.68 10.77 24.38
CA THR C 144 -23.85 11.54 24.00
C THR C 144 -23.65 12.98 24.44
N TYR C 145 -23.92 13.93 23.53
CA TYR C 145 -23.82 15.34 23.88
C TYR C 145 -25.17 15.84 24.38
N ASN C 146 -26.11 16.07 23.46
CA ASN C 146 -27.48 16.36 23.86
C ASN C 146 -28.48 15.42 23.21
N ASP C 147 -28.79 15.67 21.93
CA ASP C 147 -29.74 14.85 21.18
C ASP C 147 -29.07 13.86 20.25
N GLN C 148 -27.73 13.86 20.16
CA GLN C 148 -27.02 13.10 19.14
C GLN C 148 -25.97 12.21 19.80
N SER C 149 -26.00 10.93 19.48
CA SER C 149 -25.06 9.96 20.03
C SER C 149 -24.70 8.94 18.97
N ARG C 150 -23.41 8.63 18.87
CA ARG C 150 -22.92 7.59 17.96
C ARG C 150 -21.58 7.10 18.46
N ILE C 151 -21.16 5.96 17.93
CA ILE C 151 -19.89 5.34 18.32
C ILE C 151 -18.75 6.02 17.57
N ARG C 152 -17.72 6.43 18.30
CA ARG C 152 -16.53 7.05 17.72
C ARG C 152 -15.30 6.25 18.11
N TYR C 153 -14.23 6.45 17.34
CA TYR C 153 -12.99 5.70 17.52
C TYR C 153 -11.82 6.66 17.74
N THR C 154 -10.79 6.16 18.41
CA THR C 154 -9.58 6.91 18.71
C THR C 154 -8.36 6.05 18.39
N VAL C 155 -7.19 6.69 18.36
CA VAL C 155 -5.93 6.04 18.03
C VAL C 155 -5.09 5.97 19.29
N ALA C 156 -4.77 4.75 19.73
CA ALA C 156 -3.97 4.53 20.93
C ALA C 156 -2.49 4.30 20.64
N ASN C 157 -2.09 4.22 19.38
CA ASN C 157 -0.71 3.92 19.00
C ASN C 157 -0.59 3.98 17.49
N LEU C 158 0.65 4.08 17.01
CA LEU C 158 0.94 4.14 15.58
C LEU C 158 2.11 3.22 15.27
N HIS C 159 1.99 2.43 14.21
CA HIS C 159 3.06 1.55 13.77
C HIS C 159 3.03 1.43 12.26
N SER C 160 4.20 1.38 11.65
CA SER C 160 4.32 1.30 10.20
C SER C 160 5.67 0.66 9.87
N LEU C 161 6.03 0.69 8.58
CA LEU C 161 7.29 0.19 8.03
C LEU C 161 7.42 -1.32 8.08
N ASN C 162 6.45 -2.03 8.66
CA ASN C 162 6.52 -3.48 8.74
C ASN C 162 6.08 -4.08 7.41
N TYR C 163 6.97 -4.86 6.78
CA TYR C 163 6.68 -5.48 5.49
C TYR C 163 6.98 -6.96 5.51
N ARG C 164 8.25 -7.31 5.73
CA ARG C 164 8.69 -8.71 5.66
C ARG C 164 7.89 -9.61 6.59
N ALA C 165 7.57 -9.14 7.79
CA ALA C 165 6.85 -9.98 8.75
C ALA C 165 5.44 -10.29 8.25
N GLU C 166 4.79 -9.33 7.59
CA GLU C 166 3.45 -9.57 7.07
C GLU C 166 3.48 -10.52 5.88
N ALA C 167 4.45 -10.35 4.98
CA ALA C 167 4.54 -11.23 3.81
C ALA C 167 4.88 -12.65 4.22
N ASP C 168 5.85 -12.83 5.12
CA ASP C 168 6.20 -14.17 5.57
C ASP C 168 5.09 -14.77 6.42
N TYR C 169 4.38 -13.96 7.20
CA TYR C 169 3.26 -14.47 7.99
C TYR C 169 2.14 -14.97 7.09
N LEU C 170 1.77 -14.17 6.08
CA LEU C 170 0.75 -14.60 5.12
C LEU C 170 1.21 -15.80 4.32
N ALA C 171 2.52 -15.89 4.04
CA ALA C 171 3.05 -17.07 3.35
C ALA C 171 2.91 -18.31 4.22
N ASP C 172 3.18 -18.18 5.52
CA ASP C 172 3.01 -19.31 6.42
C ASP C 172 1.54 -19.70 6.54
N GLU C 173 0.64 -18.71 6.55
CA GLU C 173 -0.78 -19.00 6.56
C GLU C 173 -1.22 -19.70 5.27
N LEU C 174 -0.56 -19.39 4.15
CA LEU C 174 -0.87 -20.09 2.91
C LEU C 174 -0.33 -21.51 2.93
N SER C 175 0.83 -21.71 3.58
CA SER C 175 1.40 -23.05 3.65
C SER C 175 0.63 -23.94 4.61
N LYS C 176 0.04 -23.36 5.66
CA LYS C 176 -0.73 -24.13 6.64
C LYS C 176 -2.17 -24.36 6.20
N ALA C 177 -2.58 -23.83 5.04
CA ALA C 177 -3.95 -24.02 4.57
C ALA C 177 -4.18 -25.43 4.04
N LEU C 178 -3.13 -26.12 3.62
CA LEU C 178 -3.27 -27.48 3.10
C LEU C 178 -3.26 -28.51 4.23
#